data_6XA8
#
_entry.id   6XA8
#
_cell.length_a   75.379
_cell.length_b   75.379
_cell.length_c   212.738
_cell.angle_alpha   90.000
_cell.angle_beta   90.000
_cell.angle_gamma   90.000
#
_symmetry.space_group_name_H-M   'F 2 2 2'
#
loop_
_entity.id
_entity.type
_entity.pdbx_description
1 polymer 'Protein scribble homolog'
2 polymer 'C-terminal peptide of Vangl2'
3 non-polymer 1,2-ETHANEDIOL
4 non-polymer 'PHOSPHATE ION'
5 water water
#
loop_
_entity_poly.entity_id
_entity_poly.type
_entity_poly.pdbx_seq_one_letter_code
_entity_poly.pdbx_strand_id
1 'polypeptide(L)'
;GPLGSSAPSVKGVSFDQANNLLIEPARIEEEELTLTILRQTGGLGISIAGGKGSTPYKGDDEGIFISRVSEEGPAARAGV
RVGDKLLEVNGVALQGAEHHEAVEALRGAGTAVQMRVWRERM
;
A,B
2 'polypeptide(L)' LQSETSV C,D
#
# COMPACT_ATOMS: atom_id res chain seq x y z
N LEU A 21 18.67 -10.20 20.88
CA LEU A 21 18.59 -10.23 19.43
C LEU A 21 17.19 -10.64 18.97
N LEU A 22 16.20 -9.80 19.26
CA LEU A 22 14.83 -10.05 18.81
C LEU A 22 14.67 -9.43 17.43
N ILE A 23 14.59 -10.28 16.40
CA ILE A 23 14.42 -9.80 15.04
C ILE A 23 13.04 -9.19 14.89
N GLU A 24 12.98 -8.05 14.20
CA GLU A 24 11.69 -7.46 13.86
C GLU A 24 10.91 -8.41 12.97
N PRO A 25 9.67 -8.74 13.31
CA PRO A 25 8.86 -9.61 12.45
C PRO A 25 8.26 -8.81 11.30
N ALA A 26 7.85 -9.53 10.26
CA ALA A 26 7.23 -8.89 9.11
C ALA A 26 6.03 -8.07 9.56
N ARG A 27 5.93 -6.84 9.06
CA ARG A 27 4.85 -5.94 9.45
C ARG A 27 4.39 -5.13 8.27
N ILE A 28 3.08 -4.95 8.18
CA ILE A 28 2.46 -4.13 7.13
C ILE A 28 2.64 -2.67 7.52
N GLU A 29 3.10 -1.86 6.57
CA GLU A 29 3.30 -0.43 6.80
C GLU A 29 2.18 0.41 6.20
N GLU A 30 1.72 0.06 5.00
CA GLU A 30 0.67 0.81 4.31
C GLU A 30 -0.20 -0.17 3.54
N GLU A 31 -1.50 0.11 3.49
CA GLU A 31 -2.45 -0.72 2.77
C GLU A 31 -3.33 0.15 1.90
N GLU A 32 -3.73 -0.42 0.75
CA GLU A 32 -4.74 0.16 -0.13
C GLU A 32 -5.85 -0.87 -0.27
N LEU A 33 -7.06 -0.50 0.18
CA LEU A 33 -8.18 -1.41 0.22
C LEU A 33 -9.31 -0.91 -0.67
N THR A 34 -10.17 -1.85 -1.07
CA THR A 34 -11.42 -1.53 -1.78
C THR A 34 -12.56 -2.00 -0.87
N LEU A 35 -13.32 -1.04 -0.33
CA LEU A 35 -14.37 -1.31 0.64
C LEU A 35 -15.71 -0.93 0.05
N THR A 36 -16.71 -1.80 0.23
CA THR A 36 -18.04 -1.61 -0.34
C THR A 36 -19.01 -1.32 0.81
N ILE A 37 -19.49 -0.08 0.87
CA ILE A 37 -20.41 0.35 1.90
C ILE A 37 -21.83 0.12 1.42
N LEU A 38 -22.70 -0.37 2.32
CA LEU A 38 -24.08 -0.68 1.98
C LEU A 38 -25.02 0.06 2.93
N ARG A 39 -25.80 0.98 2.37
CA ARG A 39 -26.79 1.73 3.12
C ARG A 39 -28.14 1.59 2.41
N GLN A 40 -29.07 0.86 3.03
CA GLN A 40 -30.41 0.78 2.45
C GLN A 40 -31.15 2.10 2.64
N THR A 41 -30.92 2.77 3.78
CA THR A 41 -31.47 4.10 4.02
C THR A 41 -30.47 4.88 4.85
N GLY A 42 -30.64 6.21 4.84
CA GLY A 42 -29.85 7.07 5.69
C GLY A 42 -28.45 7.37 5.21
N GLY A 43 -27.49 7.34 6.14
CA GLY A 43 -26.15 7.79 5.87
C GLY A 43 -25.13 6.66 5.78
N LEU A 44 -23.91 7.06 5.42
CA LEU A 44 -22.77 6.16 5.38
C LEU A 44 -22.08 6.03 6.73
N GLY A 45 -22.42 6.89 7.68
CA GLY A 45 -21.86 6.79 9.03
C GLY A 45 -20.41 7.23 9.11
N ILE A 46 -20.03 8.28 8.36
CA ILE A 46 -18.67 8.77 8.34
C ILE A 46 -18.68 10.28 8.17
N SER A 47 -17.60 10.92 8.63
CA SER A 47 -17.31 12.30 8.31
C SER A 47 -15.96 12.37 7.61
N ILE A 48 -15.83 13.30 6.68
CA ILE A 48 -14.59 13.49 5.93
C ILE A 48 -14.03 14.86 6.29
N ALA A 49 -12.71 14.98 6.17
CA ALA A 49 -12.00 16.23 6.43
C ALA A 49 -11.01 16.48 5.30
N GLY A 50 -10.50 17.71 5.27
CA GLY A 50 -9.48 18.06 4.30
C GLY A 50 -10.04 18.36 2.92
N GLY A 51 -9.14 18.45 1.96
CA GLY A 51 -9.44 18.79 0.58
C GLY A 51 -8.57 19.93 0.09
N LYS A 52 -8.61 20.11 -1.21
CA LYS A 52 -7.83 21.18 -1.83
C LYS A 52 -8.33 22.55 -1.35
N GLY A 53 -7.42 23.36 -0.82
CA GLY A 53 -7.77 24.67 -0.31
C GLY A 53 -8.24 24.70 1.12
N SER A 54 -8.09 23.60 1.85
CA SER A 54 -8.47 23.52 3.25
C SER A 54 -7.25 23.11 4.08
N THR A 55 -7.36 23.29 5.39
CA THR A 55 -6.30 22.86 6.28
C THR A 55 -6.17 21.35 6.25
N PRO A 56 -4.95 20.81 6.28
CA PRO A 56 -4.79 19.36 6.18
C PRO A 56 -5.28 18.63 7.43
N TYR A 57 -5.78 17.41 7.21
CA TYR A 57 -6.11 16.52 8.31
C TYR A 57 -4.87 15.84 8.88
N LYS A 58 -3.87 15.58 8.04
CA LYS A 58 -2.63 14.93 8.43
C LYS A 58 -1.47 15.71 7.83
N GLY A 59 -0.66 16.34 8.67
CA GLY A 59 0.54 17.02 8.24
C GLY A 59 0.33 17.98 7.07
N ASP A 60 0.84 17.60 5.90
CA ASP A 60 0.73 18.43 4.70
C ASP A 60 -0.23 17.85 3.65
N ASP A 61 -0.75 16.65 3.86
CA ASP A 61 -1.59 16.01 2.86
C ASP A 61 -2.90 16.78 2.72
N GLU A 62 -3.22 17.17 1.48
CA GLU A 62 -4.46 17.86 1.16
C GLU A 62 -5.59 16.92 0.78
N GLY A 63 -5.38 15.61 0.91
CA GLY A 63 -6.38 14.65 0.47
C GLY A 63 -7.55 14.53 1.42
N ILE A 64 -8.59 13.87 0.92
CA ILE A 64 -9.79 13.62 1.70
C ILE A 64 -9.52 12.48 2.66
N PHE A 65 -9.79 12.70 3.95
CA PHE A 65 -9.57 11.69 4.98
C PHE A 65 -10.88 11.42 5.71
N ILE A 66 -10.98 10.21 6.27
CA ILE A 66 -12.12 9.81 7.08
C ILE A 66 -11.83 10.27 8.51
N SER A 67 -12.61 11.24 9.01
CA SER A 67 -12.36 11.80 10.33
C SER A 67 -13.12 11.10 11.45
N ARG A 68 -14.21 10.40 11.15
CA ARG A 68 -14.91 9.64 12.17
C ARG A 68 -15.78 8.59 11.51
N VAL A 69 -16.13 7.57 12.29
CA VAL A 69 -16.93 6.45 11.82
C VAL A 69 -17.94 6.08 12.90
N SER A 70 -19.20 5.93 12.51
CA SER A 70 -20.23 5.50 13.45
C SER A 70 -20.13 4.00 13.66
N GLU A 71 -20.17 3.58 14.94
CA GLU A 71 -20.07 2.16 15.24
C GLU A 71 -21.29 1.38 14.76
N GLU A 72 -22.46 2.01 14.73
CA GLU A 72 -23.67 1.38 14.25
C GLU A 72 -24.05 1.83 12.84
N GLY A 73 -23.10 2.41 12.11
CA GLY A 73 -23.35 2.87 10.76
C GLY A 73 -22.79 1.91 9.73
N PRO A 74 -23.19 2.09 8.46
CA PRO A 74 -22.75 1.12 7.44
C PRO A 74 -21.26 1.07 7.23
N ALA A 75 -20.57 2.22 7.28
CA ALA A 75 -19.14 2.23 6.98
C ALA A 75 -18.36 1.34 7.94
N ALA A 76 -18.69 1.40 9.24
CA ALA A 76 -18.04 0.51 10.19
C ALA A 76 -18.28 -0.95 9.84
N ARG A 77 -19.48 -1.27 9.34
CA ARG A 77 -19.79 -2.64 8.96
C ARG A 77 -19.04 -3.07 7.71
N ALA A 78 -18.50 -2.11 6.93
CA ALA A 78 -17.75 -2.41 5.73
C ALA A 78 -16.25 -2.44 5.95
N GLY A 79 -15.78 -2.09 7.14
CA GLY A 79 -14.37 -2.09 7.46
C GLY A 79 -13.70 -0.73 7.42
N VAL A 80 -14.47 0.34 7.20
CA VAL A 80 -13.89 1.68 7.16
C VAL A 80 -13.40 2.06 8.55
N ARG A 81 -12.19 2.59 8.63
CA ARG A 81 -11.58 3.00 9.88
C ARG A 81 -11.23 4.48 9.83
N VAL A 82 -11.02 5.06 11.01
CA VAL A 82 -10.64 6.46 11.10
C VAL A 82 -9.21 6.64 10.64
N GLY A 83 -8.98 7.67 9.82
CA GLY A 83 -7.67 7.95 9.27
C GLY A 83 -7.47 7.47 7.84
N ASP A 84 -8.36 6.62 7.34
CA ASP A 84 -8.27 6.17 5.97
C ASP A 84 -8.32 7.36 5.02
N LYS A 85 -7.39 7.41 4.06
CA LYS A 85 -7.39 8.44 3.04
C LYS A 85 -8.28 8.00 1.89
N LEU A 86 -9.20 8.87 1.48
CA LEU A 86 -10.19 8.54 0.46
C LEU A 86 -9.62 8.85 -0.93
N LEU A 87 -9.46 7.82 -1.74
CA LEU A 87 -8.88 7.96 -3.08
C LEU A 87 -9.92 7.94 -4.18
N GLU A 88 -10.97 7.13 -4.04
CA GLU A 88 -11.92 6.89 -5.12
C GLU A 88 -13.26 6.51 -4.53
N VAL A 89 -14.33 6.95 -5.20
CA VAL A 89 -15.70 6.60 -4.84
C VAL A 89 -16.44 6.25 -6.13
N ASN A 90 -16.83 4.99 -6.26
CA ASN A 90 -17.61 4.50 -7.40
C ASN A 90 -17.10 5.08 -8.72
N GLY A 91 -15.79 5.03 -8.90
CA GLY A 91 -15.19 5.39 -10.16
C GLY A 91 -14.78 6.84 -10.30
N VAL A 92 -14.92 7.65 -9.27
CA VAL A 92 -14.49 9.05 -9.28
C VAL A 92 -13.26 9.17 -8.40
N ALA A 93 -12.13 9.55 -9.01
CA ALA A 93 -10.90 9.76 -8.25
C ALA A 93 -10.95 11.13 -7.59
N LEU A 94 -10.55 11.18 -6.31
CA LEU A 94 -10.62 12.40 -5.51
C LEU A 94 -9.24 12.99 -5.24
N GLN A 95 -8.28 12.74 -6.13
CA GLN A 95 -6.96 13.34 -5.99
C GLN A 95 -7.03 14.82 -6.28
N GLY A 96 -6.44 15.63 -5.40
CA GLY A 96 -6.51 17.07 -5.55
C GLY A 96 -7.92 17.62 -5.58
N ALA A 97 -8.85 16.95 -4.89
CA ALA A 97 -10.24 17.38 -4.86
C ALA A 97 -10.46 18.41 -3.76
N GLU A 98 -11.22 19.45 -4.07
CA GLU A 98 -11.71 20.33 -3.02
C GLU A 98 -12.59 19.53 -2.06
N HIS A 99 -12.78 20.08 -0.86
CA HIS A 99 -13.56 19.37 0.14
C HIS A 99 -14.99 19.15 -0.34
N HIS A 100 -15.63 20.19 -0.87
CA HIS A 100 -17.02 20.07 -1.30
C HIS A 100 -17.19 19.19 -2.53
N GLU A 101 -16.11 18.87 -3.24
CA GLU A 101 -16.20 17.93 -4.34
C GLU A 101 -16.31 16.50 -3.83
N ALA A 102 -15.57 16.16 -2.78
CA ALA A 102 -15.75 14.86 -2.13
C ALA A 102 -17.15 14.75 -1.53
N VAL A 103 -17.54 15.75 -0.74
CA VAL A 103 -18.87 15.85 -0.16
C VAL A 103 -19.92 15.49 -1.19
N GLU A 104 -19.93 16.21 -2.31
CA GLU A 104 -20.97 15.99 -3.32
C GLU A 104 -20.91 14.57 -3.88
N ALA A 105 -19.70 14.05 -4.08
CA ALA A 105 -19.58 12.69 -4.60
C ALA A 105 -20.19 11.68 -3.64
N LEU A 106 -19.96 11.86 -2.33
CA LEU A 106 -20.43 10.87 -1.37
C LEU A 106 -21.94 10.96 -1.17
N ARG A 107 -22.47 12.18 -1.00
CA ARG A 107 -23.91 12.33 -0.85
C ARG A 107 -24.65 11.77 -2.07
N GLY A 108 -24.08 11.98 -3.27
CA GLY A 108 -24.70 11.52 -4.49
C GLY A 108 -24.43 10.08 -4.87
N ALA A 109 -23.70 9.35 -4.04
CA ALA A 109 -23.48 7.92 -4.28
C ALA A 109 -24.70 7.13 -3.82
N GLY A 110 -25.04 6.10 -4.58
CA GLY A 110 -26.29 5.39 -4.36
C GLY A 110 -26.33 4.51 -3.13
N THR A 111 -26.93 3.33 -3.27
CA THR A 111 -27.10 2.42 -2.15
C THR A 111 -25.85 1.60 -1.86
N ALA A 112 -24.98 1.42 -2.85
CA ALA A 112 -23.71 0.72 -2.69
C ALA A 112 -22.59 1.71 -3.00
N VAL A 113 -21.70 1.93 -2.04
CA VAL A 113 -20.64 2.92 -2.15
C VAL A 113 -19.32 2.18 -2.02
N GLN A 114 -18.69 1.88 -3.15
CA GLN A 114 -17.39 1.22 -3.18
C GLN A 114 -16.30 2.29 -3.23
N MET A 115 -15.44 2.31 -2.22
CA MET A 115 -14.36 3.29 -2.16
C MET A 115 -13.00 2.62 -2.05
N ARG A 116 -12.01 3.28 -2.65
CA ARG A 116 -10.61 2.89 -2.55
C ARG A 116 -9.96 3.83 -1.54
N VAL A 117 -9.34 3.25 -0.50
CA VAL A 117 -8.74 4.05 0.57
C VAL A 117 -7.31 3.63 0.79
N TRP A 118 -6.51 4.56 1.27
CA TRP A 118 -5.12 4.34 1.65
C TRP A 118 -5.03 4.36 3.16
N ARG A 119 -4.47 3.30 3.73
CA ARG A 119 -4.42 3.10 5.17
C ARG A 119 -2.96 3.02 5.63
N GLU A 120 -2.72 3.47 6.85
CA GLU A 120 -1.38 3.62 7.39
C GLU A 120 -1.33 3.04 8.80
N ARG A 121 -0.23 2.37 9.12
CA ARG A 121 -0.09 1.70 10.40
C ARG A 121 0.09 2.72 11.52
N MET A 122 -0.60 2.48 12.63
CA MET A 122 -0.48 3.33 13.81
C MET A 122 0.48 2.70 14.82
N LEU B 21 -27.64 -9.82 -4.43
CA LEU B 21 -27.15 -9.15 -3.24
C LEU B 21 -25.89 -9.84 -2.71
N LEU B 22 -24.97 -10.16 -3.62
CA LEU B 22 -23.65 -10.64 -3.26
C LEU B 22 -22.69 -9.46 -3.33
N ILE B 23 -22.09 -9.12 -2.19
CA ILE B 23 -21.34 -7.87 -2.04
C ILE B 23 -19.87 -8.19 -1.79
N GLU B 24 -19.01 -7.45 -2.47
CA GLU B 24 -17.57 -7.67 -2.37
C GLU B 24 -17.08 -7.32 -0.97
N PRO B 25 -16.48 -8.26 -0.24
CA PRO B 25 -15.97 -7.94 1.09
C PRO B 25 -14.74 -7.07 0.98
N ALA B 26 -14.38 -6.42 2.10
CA ALA B 26 -13.15 -5.67 2.15
C ALA B 26 -12.00 -6.52 1.63
N ARG B 27 -11.28 -6.01 0.64
CA ARG B 27 -10.14 -6.72 0.07
C ARG B 27 -8.96 -5.78 -0.08
N ILE B 28 -7.78 -6.28 0.29
CA ILE B 28 -6.54 -5.52 0.16
C ILE B 28 -6.06 -5.61 -1.28
N GLU B 29 -5.79 -4.44 -1.88
CA GLU B 29 -5.32 -4.38 -3.26
C GLU B 29 -3.79 -4.32 -3.32
N GLU B 30 -3.17 -3.53 -2.43
CA GLU B 30 -1.72 -3.34 -2.43
C GLU B 30 -1.26 -3.21 -0.98
N GLU B 31 -0.02 -3.61 -0.73
CA GLU B 31 0.58 -3.51 0.58
C GLU B 31 2.01 -3.02 0.47
N GLU B 32 2.49 -2.36 1.52
CA GLU B 32 3.91 -2.11 1.74
C GLU B 32 4.31 -2.79 3.05
N LEU B 33 5.32 -3.64 2.99
CA LEU B 33 5.79 -4.39 4.14
C LEU B 33 7.26 -4.08 4.41
N THR B 34 7.66 -4.21 5.66
CA THR B 34 9.06 -4.15 6.06
C THR B 34 9.43 -5.55 6.51
N LEU B 35 10.28 -6.22 5.74
CA LEU B 35 10.67 -7.61 5.99
C LEU B 35 12.13 -7.68 6.38
N THR B 36 12.44 -8.50 7.39
CA THR B 36 13.77 -8.61 7.95
C THR B 36 14.30 -10.01 7.70
N ILE B 37 15.26 -10.13 6.80
CA ILE B 37 15.87 -11.40 6.42
C ILE B 37 17.07 -11.65 7.31
N LEU B 38 17.19 -12.87 7.84
CA LEU B 38 18.32 -13.23 8.68
C LEU B 38 19.08 -14.39 8.04
N ARG B 39 20.37 -14.19 7.80
CA ARG B 39 21.26 -15.23 7.35
C ARG B 39 22.51 -15.19 8.21
N GLN B 40 22.90 -16.34 8.76
CA GLN B 40 24.23 -16.45 9.36
C GLN B 40 25.25 -16.93 8.35
N THR B 41 24.83 -17.71 7.35
CA THR B 41 25.73 -18.17 6.31
C THR B 41 25.02 -18.08 4.96
N GLY B 42 25.81 -17.93 3.90
CA GLY B 42 25.30 -18.14 2.56
C GLY B 42 24.41 -17.02 2.05
N GLY B 43 23.43 -17.39 1.23
CA GLY B 43 22.65 -16.44 0.48
C GLY B 43 21.33 -16.09 1.13
N LEU B 44 20.63 -15.13 0.51
CA LEU B 44 19.32 -14.70 0.97
C LEU B 44 18.20 -15.58 0.45
N GLY B 45 18.45 -16.39 -0.58
CA GLY B 45 17.43 -17.25 -1.11
C GLY B 45 16.47 -16.59 -2.05
N ILE B 46 16.91 -15.55 -2.77
CA ILE B 46 16.07 -14.81 -3.69
C ILE B 46 16.88 -14.48 -4.95
N SER B 47 16.17 -14.33 -6.06
CA SER B 47 16.71 -13.74 -7.28
C SER B 47 15.90 -12.49 -7.60
N ILE B 48 16.58 -11.46 -8.09
CA ILE B 48 15.96 -10.19 -8.44
C ILE B 48 16.03 -10.00 -9.95
N ALA B 49 15.05 -9.29 -10.49
CA ALA B 49 14.98 -8.99 -11.90
C ALA B 49 14.70 -7.51 -12.10
N GLY B 50 15.10 -7.00 -13.25
CA GLY B 50 14.81 -5.64 -13.62
C GLY B 50 15.87 -4.65 -13.19
N GLY B 51 15.47 -3.38 -13.29
CA GLY B 51 16.38 -2.28 -13.08
C GLY B 51 16.37 -1.32 -14.25
N LYS B 52 16.87 -0.10 -14.04
CA LYS B 52 16.90 0.89 -15.09
C LYS B 52 17.94 0.50 -16.13
N GLY B 53 17.55 0.56 -17.40
CA GLY B 53 18.35 0.04 -18.48
C GLY B 53 18.05 -1.41 -18.83
N SER B 54 17.38 -2.13 -17.94
CA SER B 54 16.98 -3.51 -18.18
C SER B 54 15.49 -3.58 -18.49
N THR B 55 15.12 -4.58 -19.27
CA THR B 55 13.73 -4.70 -19.70
C THR B 55 12.85 -5.11 -18.52
N PRO B 56 11.61 -4.62 -18.45
CA PRO B 56 10.85 -4.72 -17.21
C PRO B 56 10.49 -6.14 -16.84
N TYR B 57 10.24 -6.33 -15.55
CA TYR B 57 9.65 -7.56 -15.02
C TYR B 57 8.14 -7.51 -15.07
N LYS B 58 7.54 -6.37 -14.72
CA LYS B 58 6.09 -6.19 -14.72
C LYS B 58 5.73 -5.09 -15.71
N GLY B 59 5.14 -5.49 -16.84
CA GLY B 59 4.69 -4.55 -17.84
C GLY B 59 5.75 -3.56 -18.28
N ASP B 60 5.60 -2.30 -17.86
CA ASP B 60 6.54 -1.24 -18.18
C ASP B 60 7.34 -0.78 -16.96
N ASP B 61 7.27 -1.52 -15.85
CA ASP B 61 7.86 -1.09 -14.59
C ASP B 61 9.33 -1.45 -14.55
N GLU B 62 10.19 -0.43 -14.43
CA GLU B 62 11.63 -0.63 -14.40
C GLU B 62 12.17 -0.90 -13.00
N GLY B 63 11.29 -1.07 -12.01
CA GLY B 63 11.74 -1.33 -10.66
C GLY B 63 12.42 -2.68 -10.50
N ILE B 64 13.07 -2.84 -9.36
CA ILE B 64 13.68 -4.12 -9.01
C ILE B 64 12.60 -5.01 -8.39
N PHE B 65 12.45 -6.22 -8.92
CA PHE B 65 11.43 -7.15 -8.46
C PHE B 65 12.06 -8.45 -7.98
N ILE B 66 11.35 -9.12 -7.07
CA ILE B 66 11.75 -10.44 -6.58
C ILE B 66 11.23 -11.47 -7.57
N SER B 67 12.15 -12.15 -8.26
CA SER B 67 11.77 -13.11 -9.29
C SER B 67 11.67 -14.54 -8.77
N ARG B 68 12.39 -14.88 -7.71
CA ARG B 68 12.35 -16.23 -7.16
C ARG B 68 12.63 -16.18 -5.67
N VAL B 69 12.09 -17.16 -4.94
CA VAL B 69 12.30 -17.28 -3.50
C VAL B 69 12.53 -18.75 -3.18
N SER B 70 13.67 -19.05 -2.55
CA SER B 70 13.95 -20.39 -2.09
C SER B 70 13.20 -20.67 -0.79
N GLU B 71 12.57 -21.84 -0.70
CA GLU B 71 11.76 -22.14 0.48
C GLU B 71 12.63 -22.37 1.71
N GLU B 72 13.76 -23.05 1.55
CA GLU B 72 14.68 -23.22 2.67
C GLU B 72 15.60 -22.02 2.86
N GLY B 73 15.59 -21.06 1.93
CA GLY B 73 16.39 -19.87 2.07
C GLY B 73 15.80 -18.93 3.10
N PRO B 74 16.62 -18.00 3.60
CA PRO B 74 16.13 -17.12 4.68
C PRO B 74 14.96 -16.23 4.27
N ALA B 75 14.96 -15.73 3.03
CA ALA B 75 13.92 -14.78 2.62
C ALA B 75 12.52 -15.39 2.76
N ALA B 76 12.38 -16.67 2.40
CA ALA B 76 11.10 -17.33 2.59
C ALA B 76 10.73 -17.36 4.07
N ARG B 77 11.70 -17.60 4.95
CA ARG B 77 11.42 -17.60 6.38
C ARG B 77 11.02 -16.21 6.87
N ALA B 78 11.54 -15.17 6.23
CA ALA B 78 11.17 -13.80 6.58
C ALA B 78 9.86 -13.36 5.93
N GLY B 79 9.32 -14.15 5.02
CA GLY B 79 8.04 -13.85 4.41
C GLY B 79 8.08 -13.20 3.05
N VAL B 80 9.23 -13.13 2.41
CA VAL B 80 9.32 -12.54 1.08
C VAL B 80 8.61 -13.44 0.08
N ARG B 81 7.87 -12.83 -0.85
CA ARG B 81 7.12 -13.54 -1.86
C ARG B 81 7.58 -13.09 -3.24
N VAL B 82 7.37 -13.97 -4.23
CA VAL B 82 7.69 -13.63 -5.60
C VAL B 82 6.74 -12.54 -6.09
N GLY B 83 7.28 -11.60 -6.87
CA GLY B 83 6.50 -10.48 -7.35
C GLY B 83 6.60 -9.23 -6.50
N ASP B 84 7.13 -9.32 -5.29
CA ASP B 84 7.35 -8.14 -4.48
C ASP B 84 8.33 -7.21 -5.16
N LYS B 85 8.00 -5.91 -5.14
CA LYS B 85 8.85 -4.88 -5.74
C LYS B 85 9.77 -4.32 -4.66
N LEU B 86 11.08 -4.39 -4.90
CA LEU B 86 12.06 -3.99 -3.90
C LEU B 86 12.24 -2.48 -3.92
N LEU B 87 11.91 -1.83 -2.80
CA LEU B 87 12.00 -0.39 -2.68
C LEU B 87 13.24 0.07 -1.91
N GLU B 88 13.64 -0.67 -0.88
CA GLU B 88 14.63 -0.20 0.07
C GLU B 88 15.33 -1.40 0.69
N VAL B 89 16.63 -1.24 0.96
CA VAL B 89 17.43 -2.28 1.60
C VAL B 89 18.36 -1.60 2.61
N ASN B 90 18.14 -1.87 3.89
CA ASN B 90 18.97 -1.32 4.96
C ASN B 90 19.26 0.15 4.75
N GLY B 91 18.24 0.92 4.40
CA GLY B 91 18.37 2.35 4.28
C GLY B 91 18.81 2.88 2.93
N VAL B 92 18.91 2.02 1.92
CA VAL B 92 19.28 2.43 0.58
C VAL B 92 18.05 2.31 -0.30
N ALA B 93 17.53 3.44 -0.76
CA ALA B 93 16.38 3.43 -1.66
C ALA B 93 16.80 2.96 -3.05
N LEU B 94 15.98 2.11 -3.66
CA LEU B 94 16.29 1.52 -4.95
C LEU B 94 15.47 2.13 -6.09
N GLN B 95 14.91 3.32 -5.87
CA GLN B 95 14.17 3.99 -6.94
C GLN B 95 15.08 4.23 -8.13
N GLY B 96 14.60 3.85 -9.32
CA GLY B 96 15.34 4.08 -10.55
C GLY B 96 16.75 3.53 -10.54
N ALA B 97 16.97 2.48 -9.76
CA ALA B 97 18.29 1.87 -9.67
C ALA B 97 18.54 0.98 -10.88
N GLU B 98 19.78 0.99 -11.37
CA GLU B 98 20.21 -0.02 -12.33
C GLU B 98 20.25 -1.38 -11.66
N HIS B 99 20.11 -2.43 -12.46
CA HIS B 99 20.08 -3.78 -11.90
C HIS B 99 21.30 -4.05 -11.05
N HIS B 100 22.51 -3.79 -11.59
CA HIS B 100 23.73 -4.09 -10.86
C HIS B 100 23.84 -3.27 -9.58
N GLU B 101 23.19 -2.12 -9.51
CA GLU B 101 23.16 -1.35 -8.27
C GLU B 101 22.38 -2.09 -7.20
N ALA B 102 21.25 -2.70 -7.57
CA ALA B 102 20.49 -3.49 -6.62
C ALA B 102 21.29 -4.71 -6.17
N VAL B 103 21.91 -5.41 -7.12
CA VAL B 103 22.70 -6.60 -6.78
C VAL B 103 23.79 -6.24 -5.78
N GLU B 104 24.53 -5.16 -6.04
CA GLU B 104 25.63 -4.79 -5.17
C GLU B 104 25.15 -4.40 -3.78
N ALA B 105 23.95 -3.84 -3.68
CA ALA B 105 23.40 -3.53 -2.36
C ALA B 105 23.09 -4.80 -1.59
N LEU B 106 22.44 -5.76 -2.25
CA LEU B 106 22.01 -6.97 -1.56
C LEU B 106 23.20 -7.83 -1.13
N ARG B 107 24.23 -7.93 -1.99
CA ARG B 107 25.38 -8.76 -1.65
C ARG B 107 26.05 -8.28 -0.38
N GLY B 108 26.30 -6.98 -0.28
CA GLY B 108 26.99 -6.43 0.88
C GLY B 108 26.05 -6.02 2.00
N ALA B 109 24.87 -6.62 2.03
CA ALA B 109 23.84 -6.22 2.99
C ALA B 109 24.10 -6.77 4.38
N GLY B 110 24.89 -7.83 4.51
CA GLY B 110 25.26 -8.33 5.82
C GLY B 110 24.39 -9.45 6.35
N THR B 111 24.29 -9.55 7.69
CA THR B 111 23.63 -10.68 8.32
C THR B 111 22.12 -10.47 8.44
N ALA B 112 21.66 -9.24 8.65
CA ALA B 112 20.26 -8.92 8.78
C ALA B 112 19.88 -7.93 7.69
N VAL B 113 19.03 -8.34 6.77
CA VAL B 113 18.68 -7.55 5.59
C VAL B 113 17.23 -7.13 5.73
N GLN B 114 17.01 -5.90 6.19
CA GLN B 114 15.66 -5.36 6.32
C GLN B 114 15.31 -4.64 5.02
N MET B 115 14.30 -5.15 4.31
CA MET B 115 13.89 -4.56 3.05
C MET B 115 12.44 -4.11 3.11
N ARG B 116 12.14 -3.06 2.37
CA ARG B 116 10.80 -2.52 2.22
C ARG B 116 10.32 -2.87 0.81
N VAL B 117 9.23 -3.62 0.72
CA VAL B 117 8.75 -4.13 -0.56
C VAL B 117 7.32 -3.65 -0.79
N TRP B 118 6.96 -3.61 -2.07
CA TRP B 118 5.60 -3.31 -2.52
C TRP B 118 4.99 -4.60 -3.06
N ARG B 119 3.77 -4.89 -2.63
CA ARG B 119 3.10 -6.15 -2.95
C ARG B 119 1.69 -5.86 -3.45
N GLU B 120 1.21 -6.69 -4.36
CA GLU B 120 -0.10 -6.51 -4.96
C GLU B 120 -0.89 -7.81 -4.91
N ARG B 121 -2.21 -7.67 -4.96
CA ARG B 121 -3.12 -8.80 -4.90
C ARG B 121 -3.09 -9.59 -6.22
N MET B 122 -3.30 -10.89 -6.11
CA MET B 122 -3.39 -11.76 -7.28
C MET B 122 -4.51 -12.78 -7.13
N LEU C 1 17.59 -7.10 -23.26
CA LEU C 1 18.52 -6.93 -22.14
C LEU C 1 17.77 -6.99 -20.82
N GLN C 2 17.73 -8.17 -20.22
CA GLN C 2 17.17 -8.36 -18.88
C GLN C 2 18.15 -9.16 -18.05
N SER C 3 18.41 -8.69 -16.83
CA SER C 3 19.31 -9.37 -15.90
C SER C 3 18.51 -10.03 -14.80
N GLU C 4 18.93 -11.23 -14.40
CA GLU C 4 18.38 -11.93 -13.24
C GLU C 4 19.55 -12.45 -12.43
N THR C 5 19.59 -12.09 -11.15
CA THR C 5 20.72 -12.42 -10.28
C THR C 5 20.20 -13.06 -9.01
N SER C 6 20.56 -14.32 -8.80
CA SER C 6 20.40 -14.93 -7.49
C SER C 6 21.28 -14.19 -6.49
N VAL C 7 20.90 -14.27 -5.21
CA VAL C 7 21.62 -13.53 -4.19
C VAL C 7 21.23 -14.01 -2.79
N LEU D 1 -9.46 27.76 6.69
CA LEU D 1 -10.46 26.91 6.05
C LEU D 1 -10.26 25.44 6.42
N GLN D 2 -11.05 24.95 7.37
CA GLN D 2 -11.06 23.53 7.72
C GLN D 2 -12.50 23.04 7.64
N SER D 3 -12.77 22.09 6.76
CA SER D 3 -14.10 21.53 6.58
C SER D 3 -14.17 20.13 7.17
N GLU D 4 -15.27 19.84 7.86
CA GLU D 4 -15.63 18.50 8.28
C GLU D 4 -17.09 18.29 7.94
N THR D 5 -17.42 17.17 7.31
CA THR D 5 -18.79 16.92 6.84
C THR D 5 -19.15 15.47 7.06
N SER D 6 -20.22 15.24 7.83
CA SER D 6 -20.76 13.90 7.98
C SER D 6 -21.67 13.57 6.80
N VAL D 7 -21.61 12.32 6.35
CA VAL D 7 -22.44 11.87 5.24
C VAL D 7 -22.88 10.43 5.52
#